data_6H6O
#
_entry.id   6H6O
#
_cell.length_a   48.660
_cell.length_b   67.870
_cell.length_c   74.607
_cell.angle_alpha   90.00
_cell.angle_beta   90.00
_cell.angle_gamma   90.00
#
_symmetry.space_group_name_H-M   'P 21 21 21'
#
loop_
_entity.id
_entity.type
_entity.pdbx_description
1 polymer 'Ubiquinone biosynthesis protein UbiJ'
2 non-polymer '(2S)-2-hydroxybutanedioic acid'
3 non-polymer DI(HYDROXYETHYL)ETHER
4 non-polymer 'CALCIUM ION'
5 water water
#
_entity_poly.entity_id   1
_entity_poly.type   'polypeptide(L)'
_entity_poly.pdbx_seq_one_letter_code
;MELHHHHHHEEMPFKPLVTAGIESLLNTFLYRSPALKTARSRLLGKVLRVEVKGFSTSLILVFSERQVDVLGEWAGDADC
TVIAYASVLPKLRDRQQLTALIRSGELEVQGDIQVVQNFVALADLAEFDPA
;
_entity_poly.pdbx_strand_id   A,B
#
loop_
_chem_comp.id
_chem_comp.type
_chem_comp.name
_chem_comp.formula
CA non-polymer 'CALCIUM ION' 'Ca 2'
LMR non-polymer '(2S)-2-hydroxybutanedioic acid' 'C4 H6 O5'
PEG non-polymer DI(HYDROXYETHYL)ETHER 'C4 H10 O3'
#
# COMPACT_ATOMS: atom_id res chain seq x y z
N GLU A 11 -20.02 4.62 6.38
CA GLU A 11 -19.06 4.41 5.30
C GLU A 11 -17.86 5.38 5.39
N MET A 12 -16.63 4.82 5.46
CA MET A 12 -15.39 5.59 5.55
C MET A 12 -14.75 5.69 4.16
N PRO A 13 -14.47 6.90 3.60
CA PRO A 13 -13.83 6.99 2.27
C PRO A 13 -12.50 6.24 2.22
N PHE A 14 -12.17 5.67 1.05
CA PHE A 14 -11.00 4.81 0.88
C PHE A 14 -9.65 5.53 1.02
N LYS A 15 -9.46 6.63 0.24
CA LYS A 15 -8.19 7.35 0.23
C LYS A 15 -7.70 7.77 1.64
N PRO A 16 -8.49 8.45 2.53
CA PRO A 16 -7.98 8.78 3.88
C PRO A 16 -7.58 7.55 4.71
N LEU A 17 -8.25 6.39 4.49
CA LEU A 17 -7.88 5.14 5.18
C LEU A 17 -6.51 4.66 4.70
N VAL A 18 -6.23 4.79 3.39
CA VAL A 18 -4.93 4.40 2.81
C VAL A 18 -3.80 5.32 3.36
N THR A 19 -4.00 6.67 3.33
CA THR A 19 -2.98 7.59 3.84
C THR A 19 -2.70 7.36 5.35
N ALA A 20 -3.76 7.16 6.14
CA ALA A 20 -3.63 6.87 7.59
C ALA A 20 -2.83 5.57 7.84
N GLY A 21 -3.10 4.53 7.04
CA GLY A 21 -2.42 3.23 7.12
C GLY A 21 -0.93 3.36 6.79
N ILE A 22 -0.62 4.11 5.72
CA ILE A 22 0.79 4.34 5.34
C ILE A 22 1.50 5.11 6.45
N GLU A 23 0.83 6.14 7.03
CA GLU A 23 1.41 6.94 8.12
C GLU A 23 1.74 6.04 9.32
N SER A 24 0.77 5.17 9.73
CA SER A 24 0.98 4.26 10.85
C SER A 24 2.20 3.33 10.59
N LEU A 25 2.28 2.75 9.39
CA LEU A 25 3.36 1.85 8.96
C LEU A 25 4.71 2.58 9.04
N LEU A 26 4.81 3.77 8.43
CA LEU A 26 6.04 4.58 8.43
C LEU A 26 6.48 4.96 9.82
N ASN A 27 5.53 5.35 10.71
CA ASN A 27 5.91 5.71 12.07
C ASN A 27 6.40 4.51 12.89
N THR A 28 5.73 3.37 12.77
CA THR A 28 6.21 2.18 13.51
C THR A 28 7.57 1.72 12.99
N PHE A 29 7.79 1.79 11.69
CA PHE A 29 9.03 1.32 11.06
C PHE A 29 10.23 2.26 11.26
N LEU A 30 9.99 3.57 11.14
CA LEU A 30 11.04 4.59 11.14
C LEU A 30 11.20 5.41 12.41
N TYR A 31 10.12 5.67 13.15
CA TYR A 31 10.17 6.56 14.31
C TYR A 31 10.11 5.89 15.68
N ARG A 32 9.84 4.57 15.74
CA ARG A 32 9.72 3.90 17.03
C ARG A 32 11.09 3.76 17.74
N SER A 33 12.17 3.49 16.98
CA SER A 33 13.47 3.28 17.61
C SER A 33 14.26 4.56 17.86
N PRO A 34 14.67 4.81 19.13
CA PRO A 34 15.52 6.00 19.39
C PRO A 34 16.93 5.89 18.79
N ALA A 35 17.39 4.66 18.40
CA ALA A 35 18.71 4.48 17.79
C ALA A 35 18.83 5.22 16.43
N LEU A 36 17.70 5.43 15.74
CA LEU A 36 17.67 6.08 14.41
C LEU A 36 17.63 7.61 14.42
N LYS A 37 17.65 8.22 15.62
CA LYS A 37 17.53 9.67 15.77
C LYS A 37 18.45 10.48 14.84
N THR A 38 19.75 10.14 14.74
CA THR A 38 20.67 10.94 13.89
C THR A 38 20.34 10.81 12.40
N ALA A 39 19.84 9.63 11.98
CA ALA A 39 19.45 9.39 10.60
C ALA A 39 18.16 10.16 10.28
N ARG A 40 17.21 10.21 11.22
CA ARG A 40 15.96 10.97 11.01
C ARG A 40 16.22 12.48 10.97
N SER A 41 17.23 12.97 11.73
CA SER A 41 17.54 14.41 11.79
C SER A 41 17.79 15.04 10.42
N ARG A 42 18.36 14.24 9.50
CA ARG A 42 18.66 14.67 8.12
C ARG A 42 17.38 15.04 7.33
N LEU A 43 16.20 14.55 7.75
CA LEU A 43 14.92 14.77 7.09
C LEU A 43 14.03 15.79 7.81
N LEU A 44 14.46 16.30 8.97
CA LEU A 44 13.61 17.22 9.77
C LEU A 44 13.15 18.43 8.97
N GLY A 45 11.84 18.62 8.95
CA GLY A 45 11.21 19.72 8.23
C GLY A 45 11.02 19.51 6.75
N LYS A 46 11.49 18.37 6.21
CA LYS A 46 11.36 18.09 4.79
C LYS A 46 9.97 17.64 4.38
N VAL A 47 9.56 18.05 3.18
CA VAL A 47 8.31 17.66 2.51
C VAL A 47 8.70 16.82 1.26
N LEU A 48 8.35 15.52 1.28
CA LEU A 48 8.65 14.61 0.18
C LEU A 48 7.35 14.21 -0.50
N ARG A 49 7.19 14.59 -1.78
CA ARG A 49 5.99 14.25 -2.57
C ARG A 49 6.27 12.99 -3.39
N VAL A 50 5.37 12.00 -3.30
CA VAL A 50 5.50 10.73 -3.99
C VAL A 50 4.34 10.60 -4.96
N GLU A 51 4.66 10.56 -6.26
CA GLU A 51 3.68 10.39 -7.35
C GLU A 51 3.82 8.95 -7.82
N VAL A 52 2.85 8.10 -7.45
CA VAL A 52 2.91 6.69 -7.84
C VAL A 52 2.20 6.60 -9.20
N LYS A 53 2.97 6.23 -10.25
CA LYS A 53 2.45 6.10 -11.61
C LYS A 53 1.28 5.10 -11.65
N GLY A 54 0.21 5.45 -12.34
CA GLY A 54 -0.98 4.59 -12.43
C GLY A 54 -2.05 4.91 -11.39
N PHE A 55 -1.68 5.67 -10.36
CA PHE A 55 -2.59 6.12 -9.30
C PHE A 55 -2.93 7.58 -9.58
N SER A 56 -4.18 7.97 -9.34
CA SER A 56 -4.64 9.33 -9.64
C SER A 56 -4.26 10.36 -8.57
N THR A 57 -3.79 9.92 -7.38
CA THR A 57 -3.48 10.81 -6.27
C THR A 57 -2.01 10.78 -5.83
N SER A 58 -1.56 11.85 -5.20
CA SER A 58 -0.20 12.00 -4.66
C SER A 58 -0.16 11.52 -3.19
N LEU A 59 1.05 11.25 -2.68
CA LEU A 59 1.32 10.96 -1.28
C LEU A 59 2.34 12.04 -0.85
N ILE A 60 2.09 12.70 0.25
CA ILE A 60 3.02 13.73 0.73
C ILE A 60 3.45 13.35 2.14
N LEU A 61 4.76 13.22 2.34
CA LEU A 61 5.37 12.85 3.62
C LEU A 61 5.99 14.10 4.23
N VAL A 62 5.57 14.47 5.45
CA VAL A 62 6.12 15.68 6.13
C VAL A 62 6.83 15.18 7.37
N PHE A 63 8.16 15.35 7.41
CA PHE A 63 8.98 14.83 8.50
C PHE A 63 9.18 15.82 9.66
N SER A 64 8.76 15.42 10.89
CA SER A 64 8.98 16.22 12.09
CA SER A 64 8.92 16.18 12.13
C SER A 64 9.85 15.38 13.05
N GLU A 65 10.20 15.92 14.24
CA GLU A 65 11.06 15.20 15.18
C GLU A 65 10.42 13.90 15.74
N ARG A 66 9.14 13.90 16.04
CA ARG A 66 8.53 12.70 16.67
C ARG A 66 7.75 11.81 15.72
N GLN A 67 7.45 12.31 14.52
CA GLN A 67 6.73 11.50 13.54
C GLN A 67 6.81 12.05 12.15
N VAL A 68 6.33 11.24 11.19
CA VAL A 68 6.14 11.67 9.80
C VAL A 68 4.62 11.67 9.61
N ASP A 69 4.13 12.71 8.97
CA ASP A 69 2.74 12.83 8.66
C ASP A 69 2.57 12.56 7.19
N VAL A 70 1.52 11.78 6.84
CA VAL A 70 1.22 11.45 5.46
C VAL A 70 -0.10 12.14 5.08
N LEU A 71 -0.10 12.85 3.96
CA LEU A 71 -1.27 13.57 3.43
C LEU A 71 -1.52 13.16 2.01
N GLY A 72 -2.75 13.32 1.56
CA GLY A 72 -3.15 12.98 0.20
C GLY A 72 -3.15 14.21 -0.71
N GLU A 73 -3.04 15.40 -0.11
CA GLU A 73 -3.00 16.68 -0.83
C GLU A 73 -2.01 17.58 -0.12
N TRP A 74 -1.39 18.50 -0.89
CA TRP A 74 -0.46 19.49 -0.35
C TRP A 74 -0.46 20.73 -1.23
N ALA A 75 -0.96 21.83 -0.71
CA ALA A 75 -1.00 23.05 -1.50
C ALA A 75 0.36 23.78 -1.62
N GLY A 76 1.27 23.56 -0.68
CA GLY A 76 2.60 24.18 -0.66
C GLY A 76 3.65 23.55 -1.56
N ASP A 77 4.91 23.84 -1.24
CA ASP A 77 6.03 23.33 -2.01
CA ASP A 77 6.07 23.38 -1.97
C ASP A 77 6.61 22.11 -1.36
N ALA A 78 7.03 21.15 -2.21
CA ALA A 78 7.68 19.91 -1.79
C ALA A 78 9.16 20.17 -1.98
N ASP A 79 9.98 19.66 -1.08
CA ASP A 79 11.42 19.81 -1.16
C ASP A 79 12.01 18.85 -2.19
N CYS A 80 11.31 17.73 -2.38
CA CYS A 80 11.70 16.67 -3.30
C CYS A 80 10.43 15.99 -3.78
N THR A 81 10.40 15.64 -5.07
CA THR A 81 9.26 14.92 -5.66
C THR A 81 9.82 13.71 -6.40
N VAL A 82 9.24 12.55 -6.12
CA VAL A 82 9.67 11.29 -6.72
C VAL A 82 8.51 10.73 -7.51
N ILE A 83 8.79 10.25 -8.74
CA ILE A 83 7.78 9.67 -9.64
C ILE A 83 8.26 8.27 -10.05
N ALA A 84 7.45 7.24 -9.76
CA ALA A 84 7.83 5.86 -10.06
C ALA A 84 6.61 4.93 -9.97
N TYR A 85 6.72 3.72 -10.57
CA TYR A 85 5.68 2.72 -10.45
C TYR A 85 5.87 2.11 -9.04
N ALA A 86 4.76 1.60 -8.44
CA ALA A 86 4.78 1.04 -7.09
C ALA A 86 5.84 -0.06 -6.91
N SER A 87 6.07 -0.88 -7.96
CA SER A 87 7.00 -2.02 -7.92
C SER A 87 8.47 -1.59 -7.75
N VAL A 88 8.77 -0.27 -7.76
CA VAL A 88 10.14 0.23 -7.52
CA VAL A 88 10.13 0.23 -7.50
C VAL A 88 10.46 0.15 -6.00
N LEU A 89 9.43 0.29 -5.12
CA LEU A 89 9.56 0.27 -3.64
C LEU A 89 10.38 -0.94 -3.08
N PRO A 90 10.11 -2.22 -3.42
CA PRO A 90 10.96 -3.30 -2.88
C PRO A 90 12.42 -3.28 -3.38
N LYS A 91 12.72 -2.41 -4.38
CA LYS A 91 14.07 -2.29 -4.94
C LYS A 91 14.93 -1.25 -4.21
N LEU A 92 14.29 -0.32 -3.48
CA LEU A 92 15.00 0.74 -2.77
C LEU A 92 15.70 0.23 -1.48
N ARG A 93 16.60 -0.77 -1.65
CA ARG A 93 17.35 -1.41 -0.57
C ARG A 93 18.44 -0.52 0.03
N ASP A 94 19.12 0.29 -0.81
CA ASP A 94 20.20 1.19 -0.40
C ASP A 94 20.45 2.28 -1.47
N ARG A 95 21.37 3.23 -1.18
CA ARG A 95 21.76 4.31 -2.09
C ARG A 95 22.26 3.80 -3.46
N GLN A 96 22.93 2.63 -3.50
CA GLN A 96 23.45 2.04 -4.75
C GLN A 96 22.29 1.76 -5.69
N GLN A 97 21.29 1.02 -5.19
CA GLN A 97 20.08 0.65 -5.91
C GLN A 97 19.33 1.91 -6.29
N LEU A 98 19.32 2.94 -5.40
CA LEU A 98 18.66 4.19 -5.69
C LEU A 98 19.34 4.89 -6.88
N THR A 99 20.69 4.91 -6.92
CA THR A 99 21.45 5.52 -8.01
C THR A 99 21.16 4.78 -9.33
N ALA A 100 21.14 3.43 -9.30
CA ALA A 100 20.84 2.61 -10.48
C ALA A 100 19.41 2.87 -10.98
N LEU A 101 18.44 3.04 -10.05
CA LEU A 101 17.04 3.32 -10.41
C LEU A 101 16.88 4.70 -11.04
N ILE A 102 17.63 5.69 -10.55
CA ILE A 102 17.61 7.04 -11.13
C ILE A 102 18.24 7.00 -12.53
N ARG A 103 19.41 6.31 -12.66
CA ARG A 103 20.11 6.15 -13.94
C ARG A 103 19.23 5.46 -15.00
N SER A 104 18.51 4.39 -14.61
CA SER A 104 17.66 3.65 -15.55
C SER A 104 16.35 4.38 -15.90
N GLY A 105 16.02 5.43 -15.16
CA GLY A 105 14.78 6.17 -15.37
C GLY A 105 13.56 5.49 -14.75
N GLU A 106 13.78 4.44 -13.94
CA GLU A 106 12.70 3.75 -13.21
C GLU A 106 12.15 4.65 -12.10
N LEU A 107 13.00 5.54 -11.59
CA LEU A 107 12.61 6.52 -10.58
C LEU A 107 13.06 7.90 -11.07
N GLU A 108 12.13 8.84 -11.18
CA GLU A 108 12.43 10.20 -11.60
C GLU A 108 12.42 11.08 -10.36
N VAL A 109 13.46 11.91 -10.20
CA VAL A 109 13.57 12.82 -9.06
C VAL A 109 13.54 14.28 -9.49
N GLN A 110 12.72 15.08 -8.80
CA GLN A 110 12.62 16.53 -9.00
C GLN A 110 12.94 17.17 -7.65
N GLY A 111 13.54 18.35 -7.67
CA GLY A 111 13.92 19.03 -6.44
C GLY A 111 15.20 18.49 -5.83
N ASP A 112 15.25 18.46 -4.49
CA ASP A 112 16.45 18.07 -3.76
C ASP A 112 16.64 16.55 -3.68
N ILE A 113 17.58 16.02 -4.49
CA ILE A 113 17.90 14.58 -4.52
C ILE A 113 18.33 14.04 -3.10
N GLN A 114 18.92 14.90 -2.26
CA GLN A 114 19.39 14.53 -0.91
C GLN A 114 18.26 14.03 -0.03
N VAL A 115 17.04 14.57 -0.19
CA VAL A 115 15.86 14.15 0.58
C VAL A 115 15.56 12.67 0.38
N VAL A 116 15.45 12.23 -0.89
CA VAL A 116 15.17 10.81 -1.18
C VAL A 116 16.40 9.92 -0.80
N GLN A 117 17.63 10.42 -1.01
CA GLN A 117 18.83 9.67 -0.60
C GLN A 117 18.80 9.44 0.94
N ASN A 118 18.44 10.49 1.71
CA ASN A 118 18.36 10.40 3.18
C ASN A 118 17.20 9.51 3.62
N PHE A 119 16.10 9.54 2.89
CA PHE A 119 14.96 8.68 3.18
C PHE A 119 15.34 7.18 3.02
N VAL A 120 15.96 6.84 1.88
CA VAL A 120 16.43 5.48 1.55
C VAL A 120 17.50 5.02 2.59
N ALA A 121 18.44 5.92 2.94
CA ALA A 121 19.47 5.67 3.96
C ALA A 121 18.79 5.35 5.31
N LEU A 122 17.75 6.13 5.68
CA LEU A 122 16.98 5.91 6.92
C LEU A 122 16.28 4.56 6.90
N ALA A 123 15.59 4.20 5.79
CA ALA A 123 14.91 2.90 5.67
C ALA A 123 15.93 1.74 5.78
N ASP A 124 17.13 1.92 5.17
CA ASP A 124 18.21 0.93 5.22
C ASP A 124 18.67 0.72 6.68
N LEU A 125 18.83 1.84 7.43
CA LEU A 125 19.25 1.75 8.83
C LEU A 125 18.13 1.21 9.72
N ALA A 126 16.85 1.46 9.35
CA ALA A 126 15.70 0.95 10.09
C ALA A 126 15.59 -0.57 10.02
N GLU A 127 16.09 -1.15 8.92
CA GLU A 127 16.14 -2.59 8.73
C GLU A 127 17.33 -3.16 9.52
N PHE A 128 18.48 -2.43 9.53
CA PHE A 128 19.68 -2.82 10.27
C PHE A 128 19.40 -2.90 11.78
N ASP A 129 18.75 -1.86 12.29
CA ASP A 129 18.44 -1.74 13.70
C ASP A 129 17.31 -2.74 14.06
N PRO A 130 17.57 -3.73 14.94
CA PRO A 130 16.53 -4.75 15.24
C PRO A 130 15.33 -4.28 16.06
N ALA A 131 15.34 -3.04 16.60
CA ALA A 131 14.21 -2.50 17.36
C ALA A 131 13.01 -2.21 16.46
N PHE B 14 9.16 -6.43 8.99
CA PHE B 14 8.40 -5.54 8.12
C PHE B 14 7.08 -6.16 7.59
N LYS B 15 7.09 -7.42 7.10
CA LYS B 15 5.90 -8.13 6.57
C LYS B 15 4.71 -8.19 7.55
N PRO B 16 4.85 -8.60 8.85
CA PRO B 16 3.70 -8.54 9.76
C PRO B 16 3.15 -7.11 9.95
N LEU B 17 4.01 -6.07 9.88
CA LEU B 17 3.52 -4.68 9.98
C LEU B 17 2.68 -4.30 8.77
N VAL B 18 3.12 -4.73 7.57
CA VAL B 18 2.40 -4.45 6.32
C VAL B 18 1.03 -5.17 6.31
N THR B 19 1.03 -6.45 6.68
CA THR B 19 -0.23 -7.21 6.67
C THR B 19 -1.20 -6.69 7.72
N ALA B 20 -0.70 -6.34 8.93
CA ALA B 20 -1.55 -5.75 9.97
C ALA B 20 -2.21 -4.45 9.47
N GLY B 21 -1.45 -3.62 8.73
CA GLY B 21 -1.95 -2.36 8.16
C GLY B 21 -3.03 -2.61 7.12
N ILE B 22 -2.79 -3.57 6.21
CA ILE B 22 -3.77 -3.96 5.19
C ILE B 22 -5.03 -4.53 5.86
N GLU B 23 -4.86 -5.36 6.90
CA GLU B 23 -6.00 -5.94 7.62
C GLU B 23 -6.85 -4.84 8.25
N SER B 24 -6.20 -3.87 8.92
CA SER B 24 -6.91 -2.75 9.56
C SER B 24 -7.69 -1.92 8.52
N LEU B 25 -7.06 -1.61 7.38
CA LEU B 25 -7.68 -0.88 6.28
C LEU B 25 -8.92 -1.62 5.76
N LEU B 26 -8.79 -2.94 5.46
CA LEU B 26 -9.91 -3.70 4.93
C LEU B 26 -11.05 -3.83 5.91
N ASN B 27 -10.75 -4.03 7.21
CA ASN B 27 -11.80 -4.17 8.21
C ASN B 27 -12.54 -2.85 8.45
N THR B 28 -11.81 -1.72 8.48
CA THR B 28 -12.50 -0.43 8.63
C THR B 28 -13.37 -0.15 7.39
N PHE B 29 -12.88 -0.52 6.20
CA PHE B 29 -13.58 -0.24 4.95
C PHE B 29 -14.81 -1.17 4.71
N LEU B 30 -14.65 -2.47 4.97
CA LEU B 30 -15.66 -3.49 4.65
C LEU B 30 -16.49 -4.03 5.80
N TYR B 31 -15.90 -4.12 7.00
CA TYR B 31 -16.55 -4.75 8.15
C TYR B 31 -17.12 -3.80 9.21
N ARG B 32 -16.93 -2.48 9.08
CA ARG B 32 -17.41 -1.51 10.07
C ARG B 32 -18.93 -1.35 10.03
N SER B 33 -19.54 -1.35 8.83
CA SER B 33 -20.98 -1.13 8.75
C SER B 33 -21.81 -2.40 8.89
N PRO B 34 -22.75 -2.45 9.87
CA PRO B 34 -23.60 -3.65 10.00
C PRO B 34 -24.55 -3.83 8.81
N ALA B 35 -24.85 -2.76 8.02
CA ALA B 35 -25.73 -2.82 6.85
C ALA B 35 -25.19 -3.78 5.77
N LEU B 36 -23.86 -3.96 5.70
CA LEU B 36 -23.21 -4.81 4.69
C LEU B 36 -23.17 -6.31 5.05
N LYS B 37 -23.71 -6.71 6.23
CA LYS B 37 -23.66 -8.12 6.71
C LYS B 37 -24.08 -9.15 5.64
N THR B 38 -25.21 -8.94 4.97
CA THR B 38 -25.71 -9.89 3.97
C THR B 38 -24.79 -9.95 2.75
N ALA B 39 -24.17 -8.82 2.35
CA ALA B 39 -23.19 -8.79 1.23
C ALA B 39 -21.89 -9.55 1.63
N ARG B 40 -21.43 -9.39 2.89
CA ARG B 40 -20.24 -10.10 3.39
C ARG B 40 -20.46 -11.61 3.48
N SER B 41 -21.72 -12.04 3.76
CA SER B 41 -22.05 -13.45 3.91
C SER B 41 -21.65 -14.30 2.69
N ARG B 42 -21.63 -13.69 1.48
CA ARG B 42 -21.24 -14.37 0.24
C ARG B 42 -19.78 -14.85 0.28
N LEU B 43 -18.94 -14.18 1.08
CA LEU B 43 -17.51 -14.49 1.19
C LEU B 43 -17.14 -15.35 2.40
N LEU B 44 -18.11 -15.69 3.27
CA LEU B 44 -17.79 -16.43 4.49
C LEU B 44 -17.03 -17.72 4.22
N GLY B 45 -15.89 -17.85 4.89
CA GLY B 45 -15.01 -19.02 4.76
C GLY B 45 -14.12 -19.03 3.53
N LYS B 46 -14.22 -18.01 2.68
CA LYS B 46 -13.40 -17.94 1.47
C LYS B 46 -11.99 -17.46 1.74
N VAL B 47 -11.07 -17.94 0.90
CA VAL B 47 -9.67 -17.56 0.94
C VAL B 47 -9.34 -16.94 -0.41
N LEU B 48 -8.88 -15.70 -0.40
CA LEU B 48 -8.52 -14.98 -1.62
C LEU B 48 -7.04 -14.58 -1.57
N ARG B 49 -6.25 -15.08 -2.52
CA ARG B 49 -4.83 -14.80 -2.62
C ARG B 49 -4.61 -13.68 -3.63
N VAL B 50 -3.88 -12.64 -3.22
CA VAL B 50 -3.57 -11.48 -4.06
C VAL B 50 -2.07 -11.43 -4.31
N GLU B 51 -1.69 -11.58 -5.59
CA GLU B 51 -0.29 -11.54 -6.02
C GLU B 51 -0.10 -10.19 -6.70
N VAL B 52 0.60 -9.26 -6.05
CA VAL B 52 0.85 -7.95 -6.65
C VAL B 52 2.15 -8.08 -7.48
N LYS B 53 2.06 -7.93 -8.81
CA LYS B 53 3.21 -8.04 -9.72
C LYS B 53 4.31 -7.07 -9.32
N GLY B 54 5.55 -7.55 -9.30
CA GLY B 54 6.72 -6.76 -8.91
C GLY B 54 7.07 -6.91 -7.44
N PHE B 55 6.15 -7.44 -6.63
CA PHE B 55 6.37 -7.66 -5.19
C PHE B 55 6.64 -9.14 -4.99
N SER B 56 7.58 -9.47 -4.12
CA SER B 56 8.00 -10.86 -3.86
C SER B 56 7.08 -11.64 -2.94
N THR B 57 6.16 -10.94 -2.25
CA THR B 57 5.26 -11.58 -1.30
C THR B 57 3.78 -11.53 -1.70
N SER B 58 3.04 -12.55 -1.28
CA SER B 58 1.61 -12.70 -1.51
C SER B 58 0.84 -12.09 -0.36
N LEU B 59 -0.45 -11.77 -0.60
CA LEU B 59 -1.39 -11.31 0.42
C LEU B 59 -2.50 -12.33 0.42
N ILE B 60 -2.84 -12.87 1.59
CA ILE B 60 -3.88 -13.90 1.72
CA ILE B 60 -3.89 -13.87 1.66
C ILE B 60 -4.99 -13.33 2.59
N LEU B 61 -6.22 -13.21 2.06
CA LEU B 61 -7.39 -12.68 2.75
C LEU B 61 -8.31 -13.84 3.12
N VAL B 62 -8.59 -14.00 4.41
CA VAL B 62 -9.47 -15.08 4.91
C VAL B 62 -10.69 -14.42 5.49
N PHE B 63 -11.86 -14.66 4.88
CA PHE B 63 -13.10 -14.00 5.30
C PHE B 63 -13.89 -14.76 6.33
N SER B 64 -14.21 -14.08 7.44
CA SER B 64 -15.06 -14.68 8.49
C SER B 64 -16.22 -13.71 8.74
N GLU B 65 -17.14 -14.06 9.65
CA GLU B 65 -18.30 -13.21 9.92
C GLU B 65 -17.87 -11.87 10.58
N ARG B 66 -16.91 -11.97 11.52
CA ARG B 66 -16.39 -10.86 12.32
C ARG B 66 -15.47 -9.90 11.54
N GLN B 67 -14.60 -10.43 10.68
CA GLN B 67 -13.53 -9.65 10.03
C GLN B 67 -12.92 -10.44 8.89
N VAL B 68 -12.02 -9.76 8.12
CA VAL B 68 -11.14 -10.39 7.14
C VAL B 68 -9.77 -10.45 7.84
N ASP B 69 -9.08 -11.59 7.77
CA ASP B 69 -7.73 -11.71 8.32
C ASP B 69 -6.77 -11.72 7.17
N VAL B 70 -5.66 -11.02 7.33
CA VAL B 70 -4.67 -10.94 6.28
C VAL B 70 -3.40 -11.58 6.77
N LEU B 71 -2.83 -12.41 5.90
CA LEU B 71 -1.53 -13.01 6.16
C LEU B 71 -0.61 -12.83 4.96
N GLY B 72 0.70 -12.80 5.23
CA GLY B 72 1.74 -12.68 4.23
C GLY B 72 2.23 -14.04 3.75
N GLU B 73 1.99 -15.06 4.60
CA GLU B 73 2.36 -16.45 4.28
C GLU B 73 1.17 -17.37 4.49
N TRP B 74 1.06 -18.40 3.65
CA TRP B 74 -0.05 -19.33 3.68
C TRP B 74 0.38 -20.68 3.17
N ALA B 75 0.33 -21.68 4.07
CA ALA B 75 0.57 -23.08 3.81
C ALA B 75 -0.84 -23.62 3.63
N GLY B 76 -1.29 -23.51 2.42
CA GLY B 76 -2.59 -23.98 1.99
C GLY B 76 -2.92 -23.48 0.61
N ASP B 77 -4.12 -23.80 0.16
CA ASP B 77 -4.61 -23.38 -1.16
C ASP B 77 -5.61 -22.24 -1.00
N ALA B 78 -5.80 -21.44 -2.05
CA ALA B 78 -6.76 -20.34 -1.99
C ALA B 78 -7.93 -20.75 -2.83
N ASP B 79 -9.12 -20.22 -2.53
CA ASP B 79 -10.30 -20.50 -3.34
C ASP B 79 -10.19 -19.75 -4.67
N CYS B 80 -9.51 -18.58 -4.64
CA CYS B 80 -9.34 -17.71 -5.79
C CYS B 80 -8.01 -16.99 -5.65
N THR B 81 -7.31 -16.80 -6.78
CA THR B 81 -6.03 -16.09 -6.81
C THR B 81 -6.12 -15.03 -7.89
N VAL B 82 -5.75 -13.79 -7.52
CA VAL B 82 -5.77 -12.66 -8.44
C VAL B 82 -4.35 -12.13 -8.59
N ILE B 83 -3.94 -11.85 -9.84
CA ILE B 83 -2.61 -11.36 -10.16
C ILE B 83 -2.75 -10.07 -10.96
N ALA B 84 -2.11 -8.98 -10.49
CA ALA B 84 -2.19 -7.68 -11.16
C ALA B 84 -1.10 -6.73 -10.65
N TYR B 85 -0.83 -5.65 -11.41
CA TYR B 85 0.07 -4.59 -10.96
C TYR B 85 -0.69 -3.77 -9.91
N ALA B 86 0.04 -3.11 -9.00
CA ALA B 86 -0.53 -2.33 -7.91
C ALA B 86 -1.57 -1.32 -8.36
N SER B 87 -1.36 -0.66 -9.52
CA SER B 87 -2.30 0.35 -10.04
C SER B 87 -3.69 -0.20 -10.41
N VAL B 88 -3.81 -1.53 -10.55
CA VAL B 88 -5.08 -2.18 -10.89
C VAL B 88 -5.94 -2.35 -9.61
N LEU B 89 -5.28 -2.50 -8.44
CA LEU B 89 -5.92 -2.69 -7.11
C LEU B 89 -7.01 -1.64 -6.77
N PRO B 90 -6.81 -0.30 -6.92
CA PRO B 90 -7.94 0.63 -6.65
C PRO B 90 -9.09 0.54 -7.66
N LYS B 91 -8.91 -0.21 -8.77
CA LYS B 91 -9.97 -0.41 -9.77
C LYS B 91 -10.94 -1.56 -9.34
N LEU B 92 -10.66 -2.21 -8.16
CA LEU B 92 -11.44 -3.33 -7.63
C LEU B 92 -12.61 -2.96 -6.68
N ARG B 93 -13.15 -1.74 -6.79
CA ARG B 93 -14.33 -1.29 -6.02
C ARG B 93 -15.48 -0.94 -6.98
N ASP B 94 -15.43 -1.47 -8.21
CA ASP B 94 -16.46 -1.25 -9.22
C ASP B 94 -16.77 -2.59 -9.89
N ARG B 95 -17.92 -3.18 -9.54
CA ARG B 95 -18.30 -4.50 -10.04
C ARG B 95 -18.50 -4.58 -11.53
N GLN B 96 -18.97 -3.49 -12.15
CA GLN B 96 -19.24 -3.47 -13.58
C GLN B 96 -17.96 -3.35 -14.45
N GLN B 97 -16.80 -2.94 -13.85
CA GLN B 97 -15.53 -2.82 -14.57
C GLN B 97 -14.60 -4.05 -14.40
N LEU B 98 -14.87 -4.94 -13.42
CA LEU B 98 -14.09 -6.16 -13.17
C LEU B 98 -14.02 -7.04 -14.43
N THR B 99 -15.15 -7.18 -15.16
CA THR B 99 -15.17 -7.95 -16.41
C THR B 99 -14.24 -7.32 -17.46
N ALA B 100 -14.23 -5.98 -17.56
CA ALA B 100 -13.37 -5.24 -18.48
C ALA B 100 -11.88 -5.46 -18.12
N LEU B 101 -11.55 -5.48 -16.80
CA LEU B 101 -10.18 -5.72 -16.34
C LEU B 101 -9.70 -7.14 -16.63
N ILE B 102 -10.61 -8.13 -16.50
CA ILE B 102 -10.28 -9.52 -16.81
C ILE B 102 -10.08 -9.64 -18.34
N ARG B 103 -10.98 -9.05 -19.14
CA ARG B 103 -10.90 -9.06 -20.60
C ARG B 103 -9.61 -8.41 -21.12
N SER B 104 -9.22 -7.25 -20.55
CA SER B 104 -8.01 -6.53 -20.97
C SER B 104 -6.70 -7.20 -20.52
N GLY B 105 -6.81 -8.17 -19.61
CA GLY B 105 -5.64 -8.87 -19.07
C GLY B 105 -4.94 -8.10 -17.97
N GLU B 106 -5.53 -6.97 -17.52
CA GLU B 106 -5.00 -6.15 -16.42
C GLU B 106 -5.10 -6.93 -15.11
N LEU B 107 -6.12 -7.81 -14.98
CA LEU B 107 -6.30 -8.67 -13.81
C LEU B 107 -6.43 -10.13 -14.26
N GLU B 108 -5.51 -10.99 -13.80
CA GLU B 108 -5.57 -12.42 -14.12
C GLU B 108 -6.22 -13.14 -12.96
N VAL B 109 -7.21 -14.00 -13.24
CA VAL B 109 -7.91 -14.76 -12.20
C VAL B 109 -7.67 -16.26 -12.34
N GLN B 110 -7.35 -16.91 -11.22
CA GLN B 110 -7.18 -18.36 -11.11
C GLN B 110 -8.16 -18.84 -10.04
N GLY B 111 -8.68 -20.05 -10.20
CA GLY B 111 -9.61 -20.61 -9.24
C GLY B 111 -11.02 -20.12 -9.46
N ASP B 112 -11.78 -19.98 -8.35
CA ASP B 112 -13.19 -19.57 -8.36
C ASP B 112 -13.42 -18.07 -8.60
N ILE B 113 -13.76 -17.68 -9.87
CA ILE B 113 -14.02 -16.28 -10.28
C ILE B 113 -15.10 -15.59 -9.38
N GLN B 114 -16.07 -16.36 -8.85
CA GLN B 114 -17.15 -15.83 -7.99
C GLN B 114 -16.63 -15.14 -6.74
N VAL B 115 -15.52 -15.63 -6.17
CA VAL B 115 -14.90 -15.04 -4.98
C VAL B 115 -14.50 -13.58 -5.22
N VAL B 116 -13.74 -13.31 -6.30
CA VAL B 116 -13.32 -11.93 -6.64
C VAL B 116 -14.54 -11.11 -7.06
N GLN B 117 -15.52 -11.69 -7.78
CA GLN B 117 -16.74 -10.96 -8.16
C GLN B 117 -17.48 -10.49 -6.90
N ASN B 118 -17.59 -11.40 -5.88
CA ASN B 118 -18.28 -11.07 -4.62
C ASN B 118 -17.50 -10.05 -3.82
N PHE B 119 -16.16 -10.16 -3.85
CA PHE B 119 -15.29 -9.20 -3.14
C PHE B 119 -15.48 -7.78 -3.72
N VAL B 120 -15.40 -7.64 -5.05
CA VAL B 120 -15.57 -6.38 -5.79
C VAL B 120 -16.99 -5.83 -5.56
N ALA B 121 -18.02 -6.69 -5.58
CA ALA B 121 -19.43 -6.29 -5.32
C ALA B 121 -19.51 -5.71 -3.90
N LEU B 122 -18.86 -6.38 -2.89
CA LEU B 122 -18.85 -5.92 -1.51
C LEU B 122 -18.12 -4.56 -1.40
N ALA B 123 -16.90 -4.48 -2.00
CA ALA B 123 -16.11 -3.24 -2.02
C ALA B 123 -16.92 -2.07 -2.68
N ASP B 124 -17.68 -2.35 -3.73
CA ASP B 124 -18.54 -1.36 -4.40
C ASP B 124 -19.65 -0.88 -3.47
N LEU B 125 -20.32 -1.82 -2.76
CA LEU B 125 -21.38 -1.49 -1.81
C LEU B 125 -20.84 -0.76 -0.58
N ALA B 126 -19.58 -1.03 -0.20
CA ALA B 126 -18.95 -0.34 0.94
C ALA B 126 -18.65 1.14 0.66
N GLU B 127 -18.74 1.61 -0.59
CA GLU B 127 -18.33 2.98 -0.90
C GLU B 127 -19.27 3.78 -1.80
N PHE B 128 -19.58 5.02 -1.36
CA PHE B 128 -20.37 5.97 -2.15
C PHE B 128 -19.45 6.44 -3.29
N ASP B 129 -19.95 6.46 -4.54
CA ASP B 129 -19.16 6.83 -5.72
C ASP B 129 -18.83 8.33 -5.78
C1 LMR C . 1.67 -1.41 -16.27
O1A LMR C . 1.81 -2.17 -17.33
O1B LMR C . 0.61 -1.12 -15.77
C2 LMR C . 3.00 -0.92 -15.69
O2 LMR C . 2.90 -0.80 -14.28
C3 LMR C . 4.17 -1.85 -16.04
C4 LMR C . 5.44 -1.39 -15.38
O4A LMR C . 5.67 -1.56 -14.20
O4B LMR C . 6.27 -0.80 -16.19
H2 LMR C . 3.19 0.10 -16.01
HO2 LMR C . 2.75 -1.70 -13.89
H3 LMR C . 3.93 -2.88 -15.79
H3A LMR C . 4.34 -1.84 -17.11
C1 PEG D . 9.38 5.08 -15.47
O1 PEG D . 8.58 4.18 -16.22
C2 PEG D . 8.53 6.12 -14.79
O2 PEG D . 9.34 7.19 -14.32
C3 PEG D . 9.22 8.39 -15.09
C4 PEG D . 7.98 9.14 -14.68
O4 PEG D . 7.16 9.46 -15.80
H11 PEG D . 10.01 4.55 -14.75
H12 PEG D . 10.05 5.53 -16.19
HO1 PEG D . 8.44 3.36 -15.66
H21 PEG D . 7.77 6.46 -15.50
H22 PEG D . 7.99 5.66 -13.97
H31 PEG D . 10.09 9.03 -14.93
H32 PEG D . 9.20 8.18 -16.15
H41 PEG D . 7.34 8.53 -14.05
H42 PEG D . 8.22 10.03 -14.11
HO4 PEG D . 7.27 10.42 -16.00
C1 LMR E . 11.73 24.07 -3.62
O1A LMR E . 11.59 25.05 -4.33
O1B LMR E . 11.12 22.93 -3.81
C2 LMR E . 12.64 24.08 -2.39
O2 LMR E . 12.11 23.28 -1.34
C3 LMR E . 14.05 23.64 -2.73
C4 LMR E . 14.18 22.14 -2.92
O4A LMR E . 14.46 21.49 -1.82
O4B LMR E . 14.07 21.62 -4.02
H2 LMR E . 12.66 25.07 -1.96
HO2 LMR E . 11.18 23.58 -1.14
H3 LMR E . 14.44 24.19 -3.57
H3A LMR E . 14.71 23.91 -1.90
CA CA F . 10.67 22.82 2.81
CA CA G . 14.13 -1.76 12.88
CA CA H . 18.50 -2.45 2.90
CA CA I . -1.10 12.47 10.47
CA CA J . 5.84 27.33 -5.12
C1 PEG K . -12.08 -6.01 12.95
O1 PEG K . -11.87 -6.09 14.35
C2 PEG K . -13.51 -6.24 12.59
O2 PEG K . -14.28 -5.10 12.95
C3 PEG K . -14.40 -4.09 11.95
C4 PEG K . -14.04 -2.76 12.54
O4 PEG K . -14.23 -1.72 11.62
H11 PEG K . -11.70 -5.07 12.55
H12 PEG K . -11.43 -6.79 12.55
HO1 PEG K . -11.21 -5.40 14.61
H21 PEG K . -13.62 -6.48 11.53
H22 PEG K . -13.87 -7.12 13.13
H31 PEG K . -13.77 -4.29 11.08
H32 PEG K . -15.42 -4.06 11.58
H41 PEG K . -14.69 -2.51 13.38
H42 PEG K . -13.02 -2.75 12.93
HO4 PEG K . -14.29 -0.86 12.13
C1 PEG L . -8.56 -25.01 -3.90
O1 PEG L . -8.92 -24.70 -5.23
C2 PEG L . -9.76 -25.01 -2.99
O2 PEG L . -9.32 -25.10 -1.63
C3 PEG L . -9.03 -23.84 -1.04
C4 PEG L . -8.66 -24.03 0.40
O4 PEG L . -8.62 -22.78 1.09
H11 PEG L . -8.01 -25.95 -3.85
H12 PEG L . -7.86 -24.23 -3.64
HO1 PEG L . -9.53 -25.42 -5.55
H21 PEG L . -10.36 -24.12 -3.16
H22 PEG L . -10.40 -25.85 -3.23
H31 PEG L . -8.23 -23.33 -1.57
H32 PEG L . -9.89 -23.17 -1.10
H41 PEG L . -9.42 -24.60 0.93
H42 PEG L . -7.72 -24.56 0.51
HO4 PEG L . -7.98 -22.87 1.83
CA CA M . -19.52 2.06 -4.82
CA CA N . -21.11 -18.22 -1.10
#